data_3RBV
#
_entry.id   3RBV
#
_cell.length_a   73.253
_cell.length_b   104.032
_cell.length_c   144.596
_cell.angle_alpha   90.00
_cell.angle_beta   90.00
_cell.angle_gamma   90.00
#
_symmetry.space_group_name_H-M   'I 2 2 2'
#
loop_
_entity.id
_entity.type
_entity.pdbx_description
1 polymer 'Sugar 3-ketoreductase'
2 non-polymer 1,2-ETHANEDIOL
3 non-polymer 'NADP NICOTINAMIDE-ADENINE-DINUCLEOTIDE PHOSPHATE'
4 non-polymer 'CHLORIDE ION'
5 non-polymer 'SODIUM ION'
6 non-polymer 'PHOSPHATE ION'
7 water water
#
_entity_poly.entity_id   1
_entity_poly.type   'polypeptide(L)'
_entity_poly.pdbx_seq_one_letter_code
;MGSSHHHHHHENLYFQGHMENPANANPIRVGVIGCADIAWRRALPALEAEPLTEVTAIASRRWDRAKRFTERFGGEPVEG
YPALLERDDVDAVYVPLPAVLHAEWIDRALRAGKHVLAEKPLTTDRPQAERLFAVARERGLLLMENFMFLHHPQHRQVAD
MLDEGVIGEIRSFAASFTIPPKPQGDIRYQADVGGGALLDIGVYPIRAAGLFLGADLEFVGAVLRHERDRDVVVGGNALL
TTRQGVTAQLTFGMEHAYTNNYEFRGSTGRLWMNRVFTPPATYQPVVHIERQDHAEQFVLPAHDQFAKSIRAFAQAVLSG
EHPREWSEDSLRQASLVDAVRTGARDIYFP
;
_entity_poly.pdbx_strand_id   A
#
loop_
_chem_comp.id
_chem_comp.type
_chem_comp.name
_chem_comp.formula
CL non-polymer 'CHLORIDE ION' 'Cl -1'
EDO non-polymer 1,2-ETHANEDIOL 'C2 H6 O2'
NA non-polymer 'SODIUM ION' 'Na 1'
NAP non-polymer 'NADP NICOTINAMIDE-ADENINE-DINUCLEOTIDE PHOSPHATE' 'C21 H28 N7 O17 P3'
PO4 non-polymer 'PHOSPHATE ION' 'O4 P -3'
#
# COMPACT_ATOMS: atom_id res chain seq x y z
N ASN A 26 -0.90 17.21 -22.31
CA ASN A 26 -2.30 16.95 -21.86
C ASN A 26 -2.36 16.01 -20.66
N PRO A 27 -2.99 16.45 -19.56
CA PRO A 27 -2.94 15.69 -18.32
C PRO A 27 -3.64 14.38 -18.58
N ILE A 28 -3.27 13.37 -17.81
CA ILE A 28 -3.99 12.10 -17.87
C ILE A 28 -5.34 12.33 -17.20
N ARG A 29 -6.38 11.84 -17.88
CA ARG A 29 -7.76 11.98 -17.42
C ARG A 29 -8.09 10.79 -16.52
N VAL A 30 -8.27 11.07 -15.23
CA VAL A 30 -8.55 9.98 -14.30
C VAL A 30 -10.02 9.79 -13.93
N GLY A 31 -10.48 8.55 -13.94
CA GLY A 31 -11.80 8.32 -13.37
C GLY A 31 -11.64 7.49 -12.13
N VAL A 32 -12.55 7.65 -11.19
CA VAL A 32 -12.47 6.93 -9.92
C VAL A 32 -13.68 6.00 -9.84
N ILE A 33 -13.43 4.71 -9.62
CA ILE A 33 -14.56 3.83 -9.32
C ILE A 33 -14.65 3.46 -7.83
N GLY A 34 -15.68 4.01 -7.17
CA GLY A 34 -15.95 3.82 -5.75
C GLY A 34 -15.50 5.02 -4.94
N CYS A 35 -16.45 5.57 -4.17
CA CYS A 35 -16.29 6.83 -3.45
C CYS A 35 -15.78 6.36 -2.09
N ALA A 36 -14.54 5.92 -2.07
CA ALA A 36 -13.94 5.32 -0.88
C ALA A 36 -13.48 6.36 0.13
N ASP A 37 -13.38 5.95 1.40
CA ASP A 37 -12.71 6.73 2.44
C ASP A 37 -11.30 7.13 1.97
N ILE A 38 -10.47 6.15 1.63
CA ILE A 38 -9.11 6.46 1.22
C ILE A 38 -9.14 7.37 -0.01
N ALA A 39 -10.20 7.36 -0.81
CA ALA A 39 -10.15 8.22 -1.98
C ALA A 39 -10.35 9.65 -1.51
N TRP A 40 -11.26 9.80 -0.57
CA TRP A 40 -11.73 11.14 -0.18
C TRP A 40 -10.57 11.78 0.57
N ARG A 41 -9.95 11.01 1.45
CA ARG A 41 -8.93 11.54 2.36
C ARG A 41 -7.57 11.76 1.71
N ARG A 42 -7.15 10.83 0.85
CA ARG A 42 -5.78 10.80 0.35
CA ARG A 42 -5.78 10.87 0.36
C ARG A 42 -5.66 10.97 -1.17
N ALA A 43 -6.25 10.04 -1.92
CA ALA A 43 -6.04 9.98 -3.35
C ALA A 43 -6.67 11.14 -4.10
N LEU A 44 -7.94 11.45 -3.85
CA LEU A 44 -8.52 12.54 -4.61
C LEU A 44 -7.87 13.90 -4.36
N PRO A 45 -7.55 14.23 -3.10
CA PRO A 45 -6.89 15.55 -2.99
C PRO A 45 -5.58 15.58 -3.79
N ALA A 46 -4.83 14.48 -3.86
CA ALA A 46 -3.60 14.41 -4.67
C ALA A 46 -3.87 14.59 -6.17
N LEU A 47 -4.90 13.91 -6.67
CA LEU A 47 -5.22 13.91 -8.10
C LEU A 47 -5.61 15.32 -8.49
N GLU A 48 -6.45 15.89 -7.63
CA GLU A 48 -6.99 17.21 -7.84
C GLU A 48 -5.85 18.23 -7.97
N ALA A 49 -4.90 18.18 -7.05
CA ALA A 49 -3.74 19.06 -7.07
C ALA A 49 -2.71 18.80 -8.17
N GLU A 50 -2.57 17.57 -8.67
CA GLU A 50 -1.43 17.18 -9.49
C GLU A 50 -1.72 17.66 -10.91
N PRO A 51 -0.81 18.49 -11.45
CA PRO A 51 -0.90 19.07 -12.78
C PRO A 51 -1.05 17.96 -13.83
N LEU A 52 -0.38 16.84 -13.61
CA LEU A 52 -0.40 15.77 -14.61
C LEU A 52 -1.68 14.96 -14.64
N THR A 53 -2.63 15.18 -13.74
CA THR A 53 -3.80 14.31 -13.70
C THR A 53 -5.08 15.14 -13.62
N GLU A 54 -6.09 14.75 -14.37
CA GLU A 54 -7.30 15.57 -14.36
C GLU A 54 -8.39 14.62 -13.90
N VAL A 55 -9.11 14.97 -12.84
CA VAL A 55 -10.25 14.14 -12.43
C VAL A 55 -11.45 14.38 -13.36
N THR A 56 -11.76 13.41 -14.23
CA THR A 56 -12.83 13.62 -15.21
C THR A 56 -14.18 12.97 -14.85
N ALA A 57 -14.15 11.92 -14.02
CA ALA A 57 -15.38 11.21 -13.67
C ALA A 57 -15.16 10.47 -12.34
N ILE A 58 -16.20 10.52 -11.51
CA ILE A 58 -16.23 9.68 -10.31
C ILE A 58 -17.52 8.90 -10.20
N ALA A 59 -17.41 7.60 -10.00
CA ALA A 59 -18.56 6.72 -10.13
C ALA A 59 -18.86 6.20 -8.75
N SER A 60 -20.14 5.98 -8.46
CA SER A 60 -20.59 5.33 -7.24
C SER A 60 -21.79 4.41 -7.49
N ARG A 61 -22.02 3.47 -6.59
CA ARG A 61 -23.29 2.75 -6.56
C ARG A 61 -24.46 3.70 -6.35
N ARG A 62 -24.27 4.88 -5.77
CA ARG A 62 -25.35 5.85 -5.62
C ARG A 62 -24.86 7.14 -6.23
N TRP A 63 -25.64 7.63 -7.19
CA TRP A 63 -25.29 8.85 -7.89
C TRP A 63 -25.10 9.96 -6.86
N ASP A 64 -25.90 9.97 -5.79
CA ASP A 64 -25.82 11.03 -4.78
C ASP A 64 -24.44 11.10 -4.13
N ARG A 65 -23.83 9.94 -3.94
CA ARG A 65 -22.48 9.91 -3.35
C ARG A 65 -21.46 10.41 -4.39
N ALA A 66 -21.56 9.96 -5.65
CA ALA A 66 -20.65 10.46 -6.67
C ALA A 66 -20.72 11.98 -6.67
N LYS A 67 -21.94 12.50 -6.63
CA LYS A 67 -22.16 13.94 -6.77
C LYS A 67 -21.53 14.68 -5.59
N ARG A 68 -21.66 14.15 -4.38
CA ARG A 68 -21.00 14.76 -3.24
C ARG A 68 -19.49 14.80 -3.55
N PHE A 69 -18.97 13.73 -4.13
CA PHE A 69 -17.51 13.66 -4.29
C PHE A 69 -17.12 14.59 -5.43
N THR A 70 -17.95 14.72 -6.46
CA THR A 70 -17.57 15.63 -7.55
C THR A 70 -17.74 17.09 -7.14
N GLU A 71 -18.55 17.33 -6.11
CA GLU A 71 -18.73 18.73 -5.75
C GLU A 71 -17.43 19.12 -5.06
N ARG A 72 -16.80 18.16 -4.40
CA ARG A 72 -15.54 18.39 -3.69
C ARG A 72 -14.35 18.43 -4.65
N PHE A 73 -14.26 17.48 -5.57
CA PHE A 73 -13.03 17.29 -6.34
C PHE A 73 -13.14 17.62 -7.83
N GLY A 74 -14.32 17.95 -8.33
CA GLY A 74 -14.47 18.23 -9.75
C GLY A 74 -14.79 16.93 -10.46
N GLY A 75 -14.98 16.96 -11.77
CA GLY A 75 -15.41 15.75 -12.47
C GLY A 75 -16.91 15.58 -12.65
N GLU A 76 -17.33 14.73 -13.58
CA GLU A 76 -18.71 14.27 -13.68
C GLU A 76 -19.06 13.08 -12.81
N PRO A 77 -20.14 13.22 -12.02
CA PRO A 77 -20.64 12.15 -11.17
C PRO A 77 -21.21 11.05 -12.05
N VAL A 78 -20.95 9.79 -11.77
CA VAL A 78 -21.40 8.76 -12.70
C VAL A 78 -22.09 7.69 -11.87
N GLU A 79 -23.24 7.22 -12.35
CA GLU A 79 -23.94 6.16 -11.65
C GLU A 79 -23.49 4.78 -12.06
N GLY A 80 -22.99 3.97 -11.12
CA GLY A 80 -22.43 2.67 -11.45
C GLY A 80 -21.08 2.74 -12.14
N TYR A 81 -20.33 1.65 -12.05
CA TYR A 81 -18.95 1.59 -12.53
C TYR A 81 -18.87 1.30 -14.03
N PRO A 82 -19.73 0.41 -14.55
CA PRO A 82 -19.54 0.22 -15.99
C PRO A 82 -19.68 1.47 -16.82
N ALA A 83 -20.56 2.41 -16.49
CA ALA A 83 -20.69 3.58 -17.36
C ALA A 83 -19.40 4.37 -17.27
N LEU A 84 -18.70 4.38 -16.14
CA LEU A 84 -17.47 5.16 -16.16
C LEU A 84 -16.43 4.49 -17.05
N LEU A 85 -16.29 3.17 -17.00
CA LEU A 85 -15.34 2.50 -17.89
C LEU A 85 -15.62 2.75 -19.38
N GLU A 86 -16.89 3.03 -19.72
CA GLU A 86 -17.24 3.28 -21.12
C GLU A 86 -16.88 4.68 -21.61
N ARG A 87 -16.44 5.58 -20.74
CA ARG A 87 -16.17 6.93 -21.21
C ARG A 87 -14.89 7.11 -22.01
N ASP A 88 -14.95 7.94 -23.05
CA ASP A 88 -13.76 8.23 -23.83
C ASP A 88 -12.90 9.32 -23.21
N ASP A 89 -13.44 10.10 -22.29
CA ASP A 89 -12.51 11.03 -21.66
C ASP A 89 -11.88 10.49 -20.37
N VAL A 90 -11.70 9.18 -20.25
CA VAL A 90 -11.02 8.61 -19.08
C VAL A 90 -9.85 7.85 -19.70
N ASP A 91 -8.64 8.24 -19.34
CA ASP A 91 -7.41 7.50 -19.67
C ASP A 91 -6.96 6.45 -18.67
N ALA A 92 -7.26 6.68 -17.39
CA ALA A 92 -6.74 5.81 -16.34
C ALA A 92 -7.83 5.78 -15.29
N VAL A 93 -7.93 4.67 -14.57
CA VAL A 93 -8.92 4.52 -13.52
C VAL A 93 -8.23 4.23 -12.19
N TYR A 94 -8.62 4.97 -11.17
CA TYR A 94 -8.26 4.69 -9.77
C TYR A 94 -9.31 3.78 -9.13
N VAL A 95 -8.86 2.68 -8.53
CA VAL A 95 -9.73 1.66 -7.96
C VAL A 95 -9.54 1.45 -6.44
N PRO A 96 -10.24 2.27 -5.65
CA PRO A 96 -10.18 2.15 -4.19
C PRO A 96 -11.29 1.27 -3.61
N LEU A 97 -11.71 0.21 -4.32
CA LEU A 97 -12.82 -0.63 -3.86
C LEU A 97 -12.33 -1.56 -2.74
N PRO A 98 -13.25 -2.31 -2.09
CA PRO A 98 -12.76 -3.31 -1.14
C PRO A 98 -11.91 -4.35 -1.84
N ALA A 99 -10.94 -4.91 -1.11
CA ALA A 99 -9.95 -5.84 -1.64
C ALA A 99 -10.58 -6.94 -2.47
N VAL A 100 -11.66 -7.53 -1.99
CA VAL A 100 -12.22 -8.70 -2.66
C VAL A 100 -12.83 -8.35 -4.01
N LEU A 101 -13.13 -7.07 -4.21
CA LEU A 101 -13.74 -6.59 -5.45
C LEU A 101 -12.69 -6.01 -6.38
N HIS A 102 -11.43 -5.97 -5.98
CA HIS A 102 -10.45 -5.44 -6.94
C HIS A 102 -10.35 -6.17 -8.28
N ALA A 103 -10.27 -7.49 -8.21
CA ALA A 103 -9.83 -8.20 -9.40
C ALA A 103 -10.85 -8.05 -10.53
N GLU A 104 -12.13 -8.20 -10.21
CA GLU A 104 -13.18 -8.04 -11.23
C GLU A 104 -13.07 -6.68 -11.93
N TRP A 105 -12.92 -5.63 -11.13
CA TRP A 105 -12.97 -4.29 -11.67
C TRP A 105 -11.68 -3.77 -12.29
N ILE A 106 -10.53 -4.20 -11.78
CA ILE A 106 -9.28 -3.95 -12.48
C ILE A 106 -9.30 -4.72 -13.81
N ASP A 107 -9.69 -5.99 -13.74
CA ASP A 107 -9.81 -6.71 -15.02
C ASP A 107 -10.64 -5.97 -16.07
N ARG A 108 -11.80 -5.46 -15.65
CA ARG A 108 -12.68 -4.85 -16.63
C ARG A 108 -12.13 -3.50 -17.03
N ALA A 109 -11.51 -2.77 -16.10
CA ALA A 109 -10.96 -1.48 -16.49
C ALA A 109 -9.85 -1.66 -17.53
N LEU A 110 -8.98 -2.65 -17.33
CA LEU A 110 -7.90 -2.84 -18.28
C LEU A 110 -8.50 -3.25 -19.63
N ARG A 111 -9.51 -4.10 -19.61
CA ARG A 111 -10.10 -4.59 -20.85
C ARG A 111 -10.78 -3.44 -21.59
N ALA A 112 -11.26 -2.43 -20.88
CA ALA A 112 -11.78 -1.22 -21.48
C ALA A 112 -10.65 -0.33 -21.96
N GLY A 113 -9.40 -0.77 -21.85
CA GLY A 113 -8.25 0.00 -22.33
C GLY A 113 -7.79 1.13 -21.41
N LYS A 114 -8.05 1.03 -20.10
CA LYS A 114 -7.60 2.09 -19.20
C LYS A 114 -6.41 1.62 -18.37
N HIS A 115 -5.42 2.47 -18.14
CA HIS A 115 -4.43 2.19 -17.09
C HIS A 115 -5.10 2.19 -15.71
N VAL A 116 -4.46 1.57 -14.72
CA VAL A 116 -5.21 1.26 -13.48
C VAL A 116 -4.26 1.54 -12.31
N LEU A 117 -4.69 2.43 -11.42
CA LEU A 117 -4.06 2.63 -10.12
C LEU A 117 -4.97 1.92 -9.13
N ALA A 118 -4.52 0.81 -8.54
CA ALA A 118 -5.40 0.00 -7.71
C ALA A 118 -4.90 0.17 -6.28
N GLU A 119 -5.80 0.32 -5.31
CA GLU A 119 -5.37 0.34 -3.90
C GLU A 119 -4.74 -0.97 -3.47
N LYS A 120 -3.87 -0.90 -2.45
CA LYS A 120 -3.45 -2.15 -1.81
C LYS A 120 -4.65 -2.79 -1.10
N PRO A 121 -4.63 -4.12 -1.01
CA PRO A 121 -3.68 -5.03 -1.66
C PRO A 121 -4.16 -5.14 -3.10
N LEU A 122 -3.22 -5.22 -4.04
CA LEU A 122 -3.61 -5.26 -5.46
C LEU A 122 -4.75 -6.25 -5.66
N THR A 123 -4.59 -7.49 -5.20
CA THR A 123 -5.76 -8.34 -5.17
C THR A 123 -5.63 -9.31 -3.99
N THR A 124 -6.24 -10.48 -4.03
CA THR A 124 -6.40 -11.29 -2.81
C THR A 124 -5.43 -12.47 -2.78
N ASP A 125 -4.74 -12.79 -3.88
CA ASP A 125 -3.77 -13.87 -3.95
C ASP A 125 -2.81 -13.74 -5.12
N ARG A 126 -1.72 -14.47 -5.09
CA ARG A 126 -0.73 -14.41 -6.16
C ARG A 126 -1.20 -14.80 -7.56
N PRO A 127 -1.83 -15.98 -7.74
CA PRO A 127 -2.34 -16.33 -9.06
C PRO A 127 -3.24 -15.26 -9.67
N GLN A 128 -4.16 -14.72 -8.88
CA GLN A 128 -5.01 -13.64 -9.35
C GLN A 128 -4.21 -12.42 -9.75
N ALA A 129 -3.18 -12.07 -8.97
CA ALA A 129 -2.36 -10.92 -9.32
C ALA A 129 -1.60 -11.15 -10.64
N GLU A 130 -1.05 -12.35 -10.87
CA GLU A 130 -0.43 -12.63 -12.16
CA GLU A 130 -0.46 -12.73 -12.15
C GLU A 130 -1.40 -12.53 -13.34
N ARG A 131 -2.62 -13.03 -13.22
CA ARG A 131 -3.58 -12.87 -14.32
C ARG A 131 -3.87 -11.41 -14.63
N LEU A 132 -4.09 -10.62 -13.59
CA LEU A 132 -4.18 -9.17 -13.80
C LEU A 132 -3.02 -8.55 -14.58
N PHE A 133 -1.79 -8.74 -14.14
CA PHE A 133 -0.64 -8.23 -14.88
C PHE A 133 -0.56 -8.76 -16.31
N ALA A 134 -0.97 -10.00 -16.53
CA ALA A 134 -1.02 -10.57 -17.87
C ALA A 134 -1.99 -9.79 -18.74
N VAL A 135 -3.20 -9.50 -18.24
CA VAL A 135 -4.18 -8.72 -18.99
C VAL A 135 -3.61 -7.35 -19.33
N ALA A 136 -2.93 -6.74 -18.35
CA ALA A 136 -2.42 -5.40 -18.61
C ALA A 136 -1.28 -5.52 -19.63
N ARG A 137 -0.41 -6.51 -19.43
CA ARG A 137 0.74 -6.67 -20.31
C ARG A 137 0.32 -6.80 -21.77
N GLU A 138 -0.67 -7.65 -22.05
CA GLU A 138 -1.14 -7.86 -23.41
C GLU A 138 -1.56 -6.57 -24.07
N ARG A 139 -1.88 -5.54 -23.30
CA ARG A 139 -2.43 -4.33 -23.90
C ARG A 139 -1.50 -3.14 -23.70
N GLY A 140 -0.30 -3.38 -23.20
CA GLY A 140 0.60 -2.26 -22.97
C GLY A 140 0.21 -1.31 -21.86
N LEU A 141 -0.71 -1.70 -20.98
CA LEU A 141 -1.22 -0.82 -19.93
C LEU A 141 -0.45 -0.97 -18.61
N LEU A 142 -0.30 0.13 -17.89
CA LEU A 142 0.20 0.12 -16.51
C LEU A 142 -0.89 -0.29 -15.52
N LEU A 143 -0.53 -1.19 -14.61
CA LEU A 143 -1.34 -1.55 -13.46
C LEU A 143 -0.41 -1.33 -12.28
N MET A 144 -0.78 -0.40 -11.42
CA MET A 144 0.09 -0.06 -10.29
C MET A 144 -0.64 -0.27 -8.96
N GLU A 145 0.02 -0.89 -8.00
CA GLU A 145 -0.53 -1.08 -6.64
C GLU A 145 -0.18 0.19 -5.86
N ASN A 146 -1.17 0.87 -5.30
CA ASN A 146 -0.97 2.21 -4.73
C ASN A 146 -0.50 2.12 -3.28
N PHE A 147 0.72 1.63 -3.07
CA PHE A 147 1.35 1.74 -1.75
C PHE A 147 1.99 3.11 -1.69
N MET A 148 1.21 4.11 -1.32
CA MET A 148 1.78 5.45 -1.38
C MET A 148 2.96 5.62 -0.42
N PHE A 149 2.99 4.82 0.66
CA PHE A 149 4.10 5.00 1.62
C PHE A 149 5.46 4.72 1.00
N LEU A 150 5.50 3.89 -0.03
CA LEU A 150 6.79 3.62 -0.67
C LEU A 150 7.38 4.86 -1.32
N HIS A 151 6.56 5.88 -1.55
CA HIS A 151 7.01 7.04 -2.33
C HIS A 151 7.39 8.12 -1.32
N HIS A 152 7.28 7.85 -0.03
CA HIS A 152 7.87 8.84 0.91
C HIS A 152 9.40 8.66 0.99
N PRO A 153 10.18 9.72 0.73
CA PRO A 153 11.64 9.69 0.89
C PRO A 153 12.18 9.23 2.26
N GLN A 154 11.37 9.20 3.32
CA GLN A 154 11.96 8.84 4.61
C GLN A 154 12.54 7.43 4.63
N HIS A 155 11.92 6.47 3.92
CA HIS A 155 12.42 5.12 4.03
C HIS A 155 13.77 4.96 3.38
N ARG A 156 13.98 5.68 2.28
CA ARG A 156 15.29 5.61 1.66
C ARG A 156 16.33 6.35 2.53
N GLN A 157 15.94 7.45 3.18
CA GLN A 157 16.88 8.05 4.14
C GLN A 157 17.31 7.12 5.28
N VAL A 158 16.36 6.32 5.78
CA VAL A 158 16.59 5.36 6.85
C VAL A 158 17.51 4.30 6.28
N ALA A 159 17.17 3.80 5.10
CA ALA A 159 17.97 2.75 4.45
C ALA A 159 19.40 3.23 4.21
N ASP A 160 19.57 4.49 3.81
CA ASP A 160 20.93 5.00 3.68
C ASP A 160 21.73 5.01 4.98
N MET A 161 21.05 5.37 6.06
CA MET A 161 21.74 5.42 7.36
C MET A 161 22.13 4.00 7.74
N LEU A 162 21.21 3.05 7.59
CA LEU A 162 21.53 1.64 7.86
C LEU A 162 22.73 1.14 7.03
N ASP A 163 22.73 1.44 5.73
CA ASP A 163 23.80 1.06 4.84
C ASP A 163 25.10 1.70 5.28
N GLU A 164 25.06 2.93 5.80
CA GLU A 164 26.27 3.53 6.33
C GLU A 164 26.72 2.88 7.64
N GLY A 165 25.95 2.00 8.25
CA GLY A 165 26.48 1.33 9.44
C GLY A 165 26.08 1.98 10.76
N VAL A 166 25.11 2.88 10.78
CA VAL A 166 24.73 3.52 12.04
C VAL A 166 24.45 2.56 13.20
N ILE A 167 23.89 1.38 12.93
CA ILE A 167 23.65 0.38 13.98
C ILE A 167 24.27 -0.98 13.68
N GLY A 168 25.27 -1.00 12.80
CA GLY A 168 26.03 -2.20 12.50
C GLY A 168 25.26 -3.09 11.54
N GLU A 169 25.49 -4.39 11.54
CA GLU A 169 24.66 -5.28 10.72
CA GLU A 169 24.68 -5.33 10.75
C GLU A 169 23.24 -5.46 11.22
N ILE A 170 22.29 -5.46 10.28
CA ILE A 170 20.92 -5.72 10.69
C ILE A 170 20.74 -7.17 11.15
N ARG A 171 20.18 -7.33 12.35
CA ARG A 171 19.85 -8.63 12.93
C ARG A 171 18.38 -8.97 12.73
N SER A 172 17.48 -8.00 12.93
CA SER A 172 16.05 -8.33 12.96
C SER A 172 15.26 -7.04 12.74
N PHE A 173 13.97 -7.17 12.40
CA PHE A 173 13.14 -6.04 11.99
C PHE A 173 11.78 -6.27 12.64
N ALA A 174 11.12 -5.20 13.06
CA ALA A 174 9.72 -5.29 13.44
C ALA A 174 8.97 -4.13 12.80
N ALA A 175 7.68 -4.32 12.52
CA ALA A 175 6.89 -3.21 12.03
C ALA A 175 5.48 -3.50 12.51
N SER A 176 4.69 -2.45 12.70
CA SER A 176 3.34 -2.64 13.16
CA SER A 176 3.31 -2.72 13.06
C SER A 176 2.41 -1.64 12.48
N PHE A 177 1.21 -2.09 12.13
CA PHE A 177 0.17 -1.12 11.81
C PHE A 177 -1.12 -1.60 12.45
N THR A 178 -1.64 -0.83 13.40
CA THR A 178 -2.83 -1.26 14.12
C THR A 178 -3.75 -0.05 14.24
N ILE A 179 -5.06 -0.27 14.19
CA ILE A 179 -6.01 0.80 14.40
C ILE A 179 -7.17 0.40 15.31
N PRO A 180 -7.92 1.39 15.80
CA PRO A 180 -9.14 1.16 16.56
C PRO A 180 -10.20 0.46 15.72
N PRO A 181 -11.07 -0.30 16.40
CA PRO A 181 -12.22 -0.96 15.80
C PRO A 181 -13.04 0.13 15.12
N LYS A 182 -13.61 -0.18 13.96
CA LYS A 182 -14.23 0.84 13.10
C LYS A 182 -15.75 0.95 13.22
N GLY A 195 -12.47 -7.10 3.86
CA GLY A 195 -11.05 -7.44 3.80
C GLY A 195 -10.52 -8.27 4.97
N GLY A 196 -10.77 -7.81 6.19
CA GLY A 196 -10.10 -8.42 7.33
C GLY A 196 -8.74 -7.75 7.54
N ALA A 197 -8.19 -7.92 8.73
CA ALA A 197 -7.08 -7.10 9.20
C ALA A 197 -5.82 -7.56 8.49
N LEU A 198 -5.75 -8.79 7.97
CA LEU A 198 -4.57 -9.12 7.21
C LEU A 198 -4.52 -8.37 5.88
N LEU A 199 -5.56 -8.46 5.06
CA LEU A 199 -5.52 -7.92 3.68
C LEU A 199 -5.52 -6.41 3.71
N ASP A 200 -6.24 -5.84 4.66
CA ASP A 200 -6.34 -4.40 4.69
C ASP A 200 -5.27 -3.66 5.48
N ILE A 201 -4.61 -4.31 6.43
CA ILE A 201 -3.74 -3.55 7.35
C ILE A 201 -2.41 -4.29 7.44
N GLY A 202 -2.47 -5.61 7.59
CA GLY A 202 -1.21 -6.33 7.73
C GLY A 202 -0.36 -6.22 6.48
N VAL A 203 -0.96 -6.00 5.31
CA VAL A 203 -0.15 -5.86 4.12
C VAL A 203 0.86 -4.73 4.27
N TYR A 204 0.59 -3.73 5.10
CA TYR A 204 1.58 -2.67 5.26
C TYR A 204 2.90 -3.08 5.93
N PRO A 205 2.90 -3.65 7.14
CA PRO A 205 4.17 -4.13 7.71
C PRO A 205 4.82 -5.21 6.87
N ILE A 206 4.02 -6.07 6.23
CA ILE A 206 4.61 -7.08 5.36
C ILE A 206 5.37 -6.43 4.21
N ARG A 207 4.78 -5.41 3.59
CA ARG A 207 5.40 -4.70 2.48
C ARG A 207 6.65 -3.93 2.97
N ALA A 208 6.61 -3.36 4.17
CA ALA A 208 7.80 -2.73 4.73
C ALA A 208 8.93 -3.76 4.92
N ALA A 209 8.63 -4.98 5.35
CA ALA A 209 9.70 -5.98 5.53
C ALA A 209 10.32 -6.27 4.17
N GLY A 210 9.50 -6.35 3.11
CA GLY A 210 10.04 -6.59 1.78
C GLY A 210 10.93 -5.43 1.36
N LEU A 211 10.49 -4.19 1.60
CA LEU A 211 11.24 -3.02 1.19
C LEU A 211 12.62 -3.08 1.85
N PHE A 212 12.69 -3.31 3.17
CA PHE A 212 13.99 -3.21 3.84
C PHE A 212 14.83 -4.48 3.81
N LEU A 213 14.17 -5.63 3.77
CA LEU A 213 14.94 -6.86 3.95
C LEU A 213 15.20 -7.62 2.66
N GLY A 214 14.40 -7.33 1.64
CA GLY A 214 14.73 -7.72 0.29
C GLY A 214 13.82 -8.86 -0.17
N ALA A 215 14.20 -9.45 -1.30
CA ALA A 215 13.28 -10.28 -2.08
C ALA A 215 13.33 -11.75 -1.66
N ASP A 216 14.26 -12.17 -0.81
CA ASP A 216 14.21 -13.57 -0.39
C ASP A 216 13.42 -13.89 0.90
N LEU A 217 12.50 -13.05 1.37
CA LEU A 217 11.76 -13.30 2.62
C LEU A 217 10.89 -14.54 2.52
N GLU A 218 10.87 -15.35 3.57
CA GLU A 218 10.12 -16.60 3.63
C GLU A 218 9.35 -16.65 4.92
N PHE A 219 8.15 -17.22 4.80
CA PHE A 219 7.19 -17.32 5.89
C PHE A 219 7.73 -18.27 6.95
N VAL A 220 7.61 -17.94 8.23
CA VAL A 220 8.03 -18.86 9.30
C VAL A 220 6.83 -19.31 10.13
N GLY A 221 6.02 -18.41 10.67
CA GLY A 221 4.79 -18.82 11.34
C GLY A 221 4.02 -17.55 11.59
N ALA A 222 2.76 -17.71 11.98
CA ALA A 222 1.88 -16.57 12.18
C ALA A 222 0.66 -17.01 12.97
N VAL A 223 0.04 -16.01 13.60
CA VAL A 223 -1.28 -16.21 14.20
C VAL A 223 -2.19 -15.16 13.58
N LEU A 224 -3.37 -15.67 13.23
CA LEU A 224 -4.51 -14.81 12.93
C LEU A 224 -5.70 -15.03 13.88
N ARG A 225 -6.14 -13.93 14.49
CA ARG A 225 -7.30 -13.97 15.38
C ARG A 225 -8.53 -13.62 14.56
N HIS A 226 -9.52 -14.52 14.58
CA HIS A 226 -10.77 -14.33 13.86
C HIS A 226 -11.90 -14.11 14.86
N GLU A 227 -12.70 -13.07 14.65
CA GLU A 227 -13.85 -12.82 15.50
C GLU A 227 -14.97 -13.75 15.04
N ARG A 228 -15.41 -14.67 15.91
CA ARG A 228 -16.45 -15.65 15.58
C ARG A 228 -17.71 -14.94 15.11
N ASP A 229 -18.07 -13.91 15.87
CA ASP A 229 -19.24 -13.08 15.57
C ASP A 229 -19.40 -12.72 14.10
N ARG A 230 -18.46 -11.97 13.55
CA ARG A 230 -18.56 -11.59 12.13
C ARG A 230 -17.82 -12.54 11.19
N ASP A 231 -17.04 -13.47 11.70
CA ASP A 231 -16.09 -14.15 10.83
C ASP A 231 -15.18 -13.22 10.03
N VAL A 232 -14.23 -12.57 10.71
CA VAL A 232 -13.41 -11.58 10.04
C VAL A 232 -12.10 -11.63 10.83
N VAL A 233 -10.97 -11.46 10.15
CA VAL A 233 -9.71 -11.47 10.85
C VAL A 233 -9.61 -10.09 11.49
N VAL A 234 -9.41 -9.99 12.80
CA VAL A 234 -9.25 -8.67 13.42
C VAL A 234 -7.81 -8.35 13.87
N GLY A 235 -6.88 -9.30 13.81
CA GLY A 235 -5.51 -8.97 14.21
C GLY A 235 -4.60 -10.15 13.98
N GLY A 236 -3.29 -9.92 13.98
CA GLY A 236 -2.42 -11.07 13.83
C GLY A 236 -1.00 -10.61 14.06
N ASN A 237 -0.10 -11.57 13.88
CA ASN A 237 1.33 -11.35 14.10
C ASN A 237 2.01 -12.41 13.24
N ALA A 238 2.98 -11.97 12.45
CA ALA A 238 3.65 -12.92 11.56
C ALA A 238 5.17 -12.85 11.77
N LEU A 239 5.79 -14.01 11.60
CA LEU A 239 7.23 -14.14 11.63
C LEU A 239 7.74 -14.57 10.26
N LEU A 240 8.60 -13.72 9.68
CA LEU A 240 9.27 -14.08 8.42
C LEU A 240 10.78 -14.03 8.61
N THR A 241 11.49 -14.64 7.68
CA THR A 241 12.94 -14.67 7.71
C THR A 241 13.60 -14.53 6.34
N THR A 242 14.77 -13.90 6.24
CA THR A 242 15.59 -14.05 5.05
C THR A 242 16.39 -15.33 5.24
N ARG A 243 17.11 -15.73 4.20
CA ARG A 243 17.80 -17.01 4.19
C ARG A 243 19.04 -16.86 5.05
N GLN A 244 19.47 -15.64 5.37
CA GLN A 244 20.54 -15.46 6.35
C GLN A 244 20.03 -15.42 7.79
N GLY A 245 18.73 -15.45 8.00
CA GLY A 245 18.15 -15.52 9.34
C GLY A 245 17.95 -14.13 9.91
N VAL A 246 17.89 -13.11 9.06
CA VAL A 246 17.36 -11.81 9.51
C VAL A 246 15.84 -11.88 9.58
N THR A 247 15.28 -11.73 10.78
CA THR A 247 13.86 -11.98 10.99
C THR A 247 13.04 -10.70 10.93
N ALA A 248 11.77 -10.90 10.60
CA ALA A 248 10.82 -9.80 10.63
C ALA A 248 9.64 -10.23 11.48
N GLN A 249 9.31 -9.44 12.50
CA GLN A 249 8.05 -9.65 13.20
C GLN A 249 7.05 -8.53 12.96
N LEU A 250 5.93 -8.97 12.39
CA LEU A 250 4.95 -8.04 11.84
C LEU A 250 3.64 -8.14 12.60
N THR A 251 3.21 -7.04 13.21
CA THR A 251 1.96 -7.05 13.97
C THR A 251 0.94 -6.19 13.25
N PHE A 252 -0.31 -6.62 13.22
CA PHE A 252 -1.31 -5.76 12.62
C PHE A 252 -2.66 -5.99 13.30
N GLY A 253 -3.60 -5.08 13.11
CA GLY A 253 -4.89 -5.29 13.76
C GLY A 253 -5.82 -4.10 13.70
N MET A 254 -7.09 -4.41 13.97
CA MET A 254 -8.07 -3.35 14.13
C MET A 254 -8.81 -3.46 15.45
N GLU A 255 -8.12 -3.87 16.53
CA GLU A 255 -8.77 -3.92 17.82
C GLU A 255 -7.79 -3.28 18.81
N HIS A 256 -7.26 -2.12 18.47
CA HIS A 256 -5.97 -1.68 19.02
C HIS A 256 -5.96 -0.15 19.14
N ALA A 257 -4.96 0.46 19.78
CA ALA A 257 -4.76 1.90 19.55
C ALA A 257 -4.06 2.13 18.20
N TYR A 258 -4.08 3.34 17.64
CA TYR A 258 -3.74 3.51 16.23
C TYR A 258 -2.22 3.61 16.34
N THR A 259 -1.46 2.63 15.86
CA THR A 259 0.01 2.66 15.85
C THR A 259 0.56 2.33 14.48
N ASN A 260 1.70 2.91 14.09
CA ASN A 260 2.29 2.65 12.78
C ASN A 260 3.76 2.98 12.82
N ASN A 261 4.54 1.94 13.09
CA ASN A 261 5.95 2.18 13.37
C ASN A 261 6.78 1.03 12.83
N TYR A 262 8.11 1.17 12.88
CA TYR A 262 8.98 0.04 12.57
C TYR A 262 10.28 0.26 13.32
N GLU A 263 11.04 -0.82 13.44
CA GLU A 263 12.27 -0.76 14.24
C GLU A 263 13.27 -1.81 13.74
N PHE A 264 14.56 -1.48 13.75
CA PHE A 264 15.60 -2.42 13.37
C PHE A 264 16.49 -2.66 14.59
N ARG A 265 16.86 -3.92 14.79
CA ARG A 265 17.88 -4.22 15.78
C ARG A 265 19.13 -4.59 14.98
N GLY A 266 20.23 -3.92 15.31
CA GLY A 266 21.51 -4.20 14.68
C GLY A 266 22.60 -4.71 15.62
N SER A 267 23.76 -4.97 15.04
CA SER A 267 24.82 -5.51 15.87
C SER A 267 25.39 -4.48 16.82
N THR A 268 25.26 -3.19 16.53
CA THR A 268 25.76 -2.23 17.50
C THR A 268 24.72 -1.18 17.93
N GLY A 269 23.46 -1.39 17.59
CA GLY A 269 22.41 -0.48 18.05
C GLY A 269 21.03 -0.83 17.53
N ARG A 270 20.13 0.15 17.66
CA ARG A 270 18.79 -0.02 17.14
C ARG A 270 18.24 1.28 16.54
N LEU A 271 17.35 1.18 15.56
CA LEU A 271 16.82 2.40 14.95
C LEU A 271 15.31 2.16 14.93
N TRP A 272 14.50 3.15 15.29
CA TRP A 272 13.04 3.05 15.12
C TRP A 272 12.46 4.37 14.64
N MET A 273 11.21 4.29 14.16
CA MET A 273 10.56 5.53 13.74
C MET A 273 9.05 5.26 13.89
N ASN A 274 8.29 6.32 14.20
CA ASN A 274 6.83 6.27 14.22
C ASN A 274 6.22 6.96 12.99
N ARG A 275 4.91 6.80 12.82
CA ARG A 275 4.18 7.38 11.67
C ARG A 275 4.88 7.02 10.38
N VAL A 276 5.19 5.73 10.27
CA VAL A 276 5.89 5.28 9.08
C VAL A 276 4.96 4.92 7.90
N PHE A 277 3.67 4.68 8.13
CA PHE A 277 2.81 4.36 6.97
C PHE A 277 1.93 5.52 6.51
N THR A 278 1.56 6.39 7.46
CA THR A 278 0.61 7.46 7.11
C THR A 278 1.07 8.82 7.61
N PRO A 279 2.33 9.21 7.39
CA PRO A 279 2.72 10.52 7.90
C PRO A 279 1.95 11.60 7.13
N PRO A 280 1.48 12.64 7.83
CA PRO A 280 0.89 13.75 7.11
C PRO A 280 1.88 14.34 6.11
N ALA A 281 1.37 15.04 5.11
CA ALA A 281 2.21 15.69 4.12
C ALA A 281 3.12 16.74 4.75
N THR A 282 2.73 17.32 5.87
CA THR A 282 3.48 18.45 6.43
C THR A 282 4.31 17.96 7.61
N TYR A 283 4.25 16.67 7.91
CA TYR A 283 4.78 16.12 9.16
C TYR A 283 6.26 15.84 8.93
N GLN A 284 7.15 16.23 9.85
CA GLN A 284 8.59 15.98 9.75
C GLN A 284 8.98 14.68 10.49
N PRO A 285 9.48 13.66 9.76
CA PRO A 285 9.81 12.36 10.39
C PRO A 285 10.95 12.59 11.39
N VAL A 286 10.98 11.79 12.45
CA VAL A 286 12.14 11.78 13.34
C VAL A 286 12.63 10.33 13.48
N VAL A 287 13.89 10.14 13.07
CA VAL A 287 14.59 8.86 13.15
C VAL A 287 15.22 8.79 14.55
N HIS A 288 14.94 7.72 15.29
CA HIS A 288 15.56 7.53 16.61
C HIS A 288 16.64 6.44 16.52
N ILE A 289 17.82 6.75 17.05
CA ILE A 289 18.84 5.70 17.12
C ILE A 289 19.33 5.60 18.58
N GLU A 290 19.60 4.37 19.00
CA GLU A 290 20.22 4.15 20.30
C GLU A 290 21.38 3.20 20.08
N ARG A 291 22.54 3.60 20.61
CA ARG A 291 23.65 2.66 20.76
C ARG A 291 24.23 2.73 22.19
N GLN A 292 25.33 2.04 22.45
CA GLN A 292 25.79 1.95 23.84
C GLN A 292 26.08 3.38 24.36
N ASP A 293 25.45 3.80 25.46
CA ASP A 293 25.67 5.13 26.05
C ASP A 293 25.41 6.34 25.16
N HIS A 294 24.70 6.18 24.03
CA HIS A 294 24.52 7.35 23.16
C HIS A 294 23.22 7.14 22.38
N ALA A 295 22.35 8.15 22.34
CA ALA A 295 21.12 8.07 21.53
C ALA A 295 21.08 9.34 20.69
N GLU A 296 20.46 9.26 19.51
CA GLU A 296 20.37 10.46 18.67
C GLU A 296 19.00 10.48 17.98
N GLN A 297 18.50 11.68 17.69
CA GLN A 297 17.26 11.78 16.88
C GLN A 297 17.54 12.73 15.70
N PHE A 298 17.15 12.34 14.49
CA PHE A 298 17.35 13.19 13.32
C PHE A 298 15.98 13.57 12.76
N VAL A 299 15.76 14.86 12.54
CA VAL A 299 14.49 15.36 11.97
C VAL A 299 14.65 15.42 10.45
N LEU A 300 13.75 14.83 9.64
CA LEU A 300 13.99 14.76 8.20
C LEU A 300 12.94 15.71 7.60
N PRO A 301 13.06 16.10 6.32
CA PRO A 301 12.06 16.99 5.73
C PRO A 301 10.69 16.32 5.61
N ALA A 302 9.63 17.13 5.61
CA ALA A 302 8.30 16.64 5.36
C ALA A 302 8.11 16.42 3.86
N HIS A 303 7.32 15.41 3.49
CA HIS A 303 6.99 15.24 2.07
C HIS A 303 5.56 14.66 1.99
N ASP A 304 4.91 14.94 0.86
CA ASP A 304 3.57 14.44 0.59
C ASP A 304 3.61 13.16 -0.23
N GLN A 305 3.51 12.02 0.46
CA GLN A 305 3.77 10.76 -0.19
C GLN A 305 2.58 10.44 -1.11
N PHE A 306 1.42 10.98 -0.77
CA PHE A 306 0.17 10.75 -1.48
C PHE A 306 0.33 11.39 -2.86
N ALA A 307 0.71 12.66 -2.88
CA ALA A 307 1.02 13.36 -4.13
C ALA A 307 2.15 12.69 -4.88
N LYS A 308 3.23 12.32 -4.19
CA LYS A 308 4.31 11.66 -4.89
C LYS A 308 3.91 10.34 -5.58
N SER A 309 3.08 9.52 -4.96
CA SER A 309 2.65 8.28 -5.58
C SER A 309 1.78 8.49 -6.83
N ILE A 310 0.84 9.41 -6.70
CA ILE A 310 -0.08 9.78 -7.79
C ILE A 310 0.77 10.32 -8.93
N ARG A 311 1.73 11.21 -8.63
CA ARG A 311 2.67 11.68 -9.64
C ARG A 311 3.56 10.64 -10.31
N ALA A 312 4.12 9.71 -9.55
CA ALA A 312 4.79 8.55 -10.17
C ALA A 312 3.87 7.79 -11.12
N PHE A 313 2.63 7.53 -10.71
CA PHE A 313 1.69 6.82 -11.57
C PHE A 313 1.51 7.61 -12.87
N ALA A 314 1.23 8.89 -12.73
CA ALA A 314 1.00 9.70 -13.92
C ALA A 314 2.22 9.80 -14.83
N GLN A 315 3.42 9.96 -14.27
CA GLN A 315 4.62 10.03 -15.09
C GLN A 315 4.86 8.72 -15.84
N ALA A 316 4.54 7.58 -15.23
CA ALA A 316 4.71 6.31 -15.93
C ALA A 316 3.71 6.22 -17.09
N VAL A 317 2.46 6.61 -16.83
CA VAL A 317 1.46 6.57 -17.90
C VAL A 317 1.91 7.50 -19.03
N LEU A 318 2.30 8.74 -18.72
CA LEU A 318 2.62 9.71 -19.75
C LEU A 318 3.86 9.31 -20.52
N SER A 319 4.85 8.75 -19.84
CA SER A 319 6.11 8.43 -20.51
C SER A 319 6.09 7.05 -21.18
N GLY A 320 5.21 6.15 -20.71
CA GLY A 320 5.19 4.74 -21.14
C GLY A 320 6.24 3.90 -20.45
N GLU A 321 7.03 4.49 -19.56
CA GLU A 321 7.99 3.73 -18.76
C GLU A 321 7.34 3.19 -17.49
N HIS A 322 6.98 1.92 -17.55
CA HIS A 322 6.25 1.19 -16.51
C HIS A 322 7.27 0.31 -15.78
N PRO A 323 7.75 0.71 -14.58
CA PRO A 323 8.91 0.08 -13.96
C PRO A 323 8.66 -1.39 -13.65
N ARG A 324 9.56 -2.26 -14.07
CA ARG A 324 9.30 -3.67 -13.84
C ARG A 324 9.33 -3.98 -12.34
N GLU A 325 10.16 -3.27 -11.59
CA GLU A 325 10.26 -3.48 -10.14
CA GLU A 325 10.27 -3.47 -10.15
C GLU A 325 8.89 -3.34 -9.47
N TRP A 326 8.06 -2.42 -9.93
CA TRP A 326 6.75 -2.27 -9.31
C TRP A 326 5.92 -3.55 -9.32
N SER A 327 5.89 -4.21 -10.47
CA SER A 327 5.02 -5.35 -10.63
C SER A 327 5.69 -6.56 -9.97
N GLU A 328 7.01 -6.67 -10.07
CA GLU A 328 7.65 -7.81 -9.42
C GLU A 328 7.45 -7.66 -7.91
N ASP A 329 7.59 -6.45 -7.37
CA ASP A 329 7.43 -6.24 -5.92
C ASP A 329 5.99 -6.60 -5.56
N SER A 330 5.00 -6.25 -6.39
CA SER A 330 3.62 -6.53 -6.01
C SER A 330 3.36 -8.04 -6.00
N LEU A 331 4.05 -8.71 -6.90
CA LEU A 331 3.87 -10.18 -6.96
C LEU A 331 4.51 -10.86 -5.75
N ARG A 332 5.73 -10.45 -5.41
CA ARG A 332 6.38 -11.02 -4.22
C ARG A 332 5.54 -10.75 -2.97
N GLN A 333 5.00 -9.54 -2.92
CA GLN A 333 4.12 -9.14 -1.84
C GLN A 333 2.94 -10.11 -1.80
N ALA A 334 2.27 -10.30 -2.93
CA ALA A 334 1.05 -11.11 -2.93
C ALA A 334 1.43 -12.51 -2.44
N SER A 335 2.58 -13.03 -2.87
CA SER A 335 2.95 -14.36 -2.39
C SER A 335 3.14 -14.46 -0.87
N LEU A 336 3.71 -13.46 -0.22
CA LEU A 336 3.99 -13.57 1.21
C LEU A 336 2.68 -13.43 1.94
N VAL A 337 1.79 -12.59 1.43
CA VAL A 337 0.48 -12.48 2.03
C VAL A 337 -0.26 -13.82 1.95
N ASP A 338 -0.18 -14.50 0.82
CA ASP A 338 -0.82 -15.81 0.73
C ASP A 338 -0.18 -16.79 1.73
N ALA A 339 1.15 -16.73 1.80
CA ALA A 339 1.91 -17.67 2.62
C ALA A 339 1.52 -17.45 4.08
N VAL A 340 1.30 -16.20 4.46
CA VAL A 340 0.78 -15.87 5.78
C VAL A 340 -0.64 -16.37 6.04
N ARG A 341 -1.57 -16.07 5.15
CA ARG A 341 -2.92 -16.56 5.30
C ARG A 341 -2.96 -18.08 5.46
N THR A 342 -2.28 -18.80 4.57
CA THR A 342 -2.31 -20.26 4.46
C THR A 342 -1.54 -20.88 5.62
N GLY A 343 -0.38 -20.34 5.96
CA GLY A 343 0.44 -20.81 7.06
C GLY A 343 0.06 -20.48 8.50
N ALA A 344 -0.82 -19.52 8.72
CA ALA A 344 -0.99 -18.94 10.06
C ALA A 344 -1.77 -20.02 10.81
N ARG A 345 -1.59 -20.06 12.12
CA ARG A 345 -2.52 -20.73 12.99
C ARG A 345 -3.71 -19.80 13.11
N ASP A 346 -4.90 -20.23 12.72
CA ASP A 346 -6.10 -19.42 12.85
C ASP A 346 -6.78 -19.64 14.20
N ILE A 347 -7.07 -18.58 14.94
CA ILE A 347 -7.61 -18.78 16.27
C ILE A 347 -8.91 -17.99 16.22
N TYR A 348 -9.98 -18.66 16.62
CA TYR A 348 -11.31 -18.07 16.62
C TYR A 348 -11.66 -17.75 18.07
N PHE A 349 -12.14 -16.54 18.32
CA PHE A 349 -12.52 -16.23 19.70
C PHE A 349 -13.97 -15.79 19.71
N PRO A 350 -14.59 -15.75 20.90
CA PRO A 350 -13.97 -16.42 22.03
C PRO A 350 -14.18 -17.92 21.84
C1 EDO B . -20.88 -1.92 -9.00
O1 EDO B . -21.53 -3.08 -9.50
C2 EDO B . -21.67 -0.69 -9.43
O2 EDO B . -21.44 -0.47 -10.83
PA NAP C . -14.36 2.08 1.97
O1A NAP C . -14.33 3.49 2.54
O2A NAP C . -15.28 0.95 2.31
O5B NAP C . -14.52 2.33 0.38
C5B NAP C . -14.73 1.26 -0.55
C4B NAP C . -15.73 1.83 -1.57
O4B NAP C . -16.01 0.77 -2.48
C3B NAP C . -17.07 2.27 -1.00
O3B NAP C . -17.06 3.69 -0.78
C2B NAP C . -18.07 1.94 -2.09
O2B NAP C . -18.12 2.97 -3.08
C1B NAP C . -17.39 0.82 -2.88
N9A NAP C . -18.08 -0.49 -2.87
C8A NAP C . -18.47 -1.19 -3.95
N7A NAP C . -19.08 -2.32 -3.53
C5A NAP C . -19.07 -2.32 -2.18
C6A NAP C . -19.58 -3.17 -1.22
N6A NAP C . -20.22 -4.31 -1.57
N1A NAP C . -19.38 -2.84 0.09
C2A NAP C . -18.76 -1.71 0.46
N3A NAP C . -18.29 -0.86 -0.46
C4A NAP C . -18.44 -1.16 -1.77
O3 NAP C . -12.91 1.37 2.14
PN NAP C . -11.42 2.00 2.30
O1N NAP C . -11.32 3.42 1.76
O2N NAP C . -11.02 1.82 3.75
O5D NAP C . -10.58 0.80 1.57
C5D NAP C . -10.53 0.79 0.14
C4D NAP C . -9.29 0.03 -0.30
O4D NAP C . -8.22 0.71 0.36
C3D NAP C . -9.21 -1.43 0.14
O3D NAP C . -8.38 -2.03 -0.86
C2D NAP C . -8.50 -1.34 1.49
O2D NAP C . -7.57 -2.39 1.76
C1D NAP C . -7.57 -0.16 1.30
N1N NAP C . -7.19 0.48 2.57
C2N NAP C . -7.78 1.66 2.82
C3N NAP C . -7.49 2.35 4.00
C7N NAP C . -8.15 3.66 4.31
O7N NAP C . -7.31 4.48 4.66
N7N NAP C . -9.46 3.93 4.27
C4N NAP C . -6.57 1.78 4.88
C5N NAP C . -5.94 0.57 4.57
C6N NAP C . -6.28 -0.09 3.39
P2B NAP C . -19.55 3.47 -3.64
O1X NAP C . -19.35 4.95 -3.90
O2X NAP C . -20.47 3.07 -2.52
O3X NAP C . -19.74 2.60 -4.86
CL CL D . 0.10 3.45 1.28
NA NA E . -4.09 -20.96 7.91
P PO4 F . 9.43 17.96 -1.65
O1 PO4 F . 8.66 16.78 -1.11
O2 PO4 F . 9.13 18.09 -3.14
O3 PO4 F . 8.99 19.21 -0.90
O4 PO4 F . 10.93 17.80 -1.55
CL CL G . 8.68 10.41 17.63
#